data_6QFH
#
_entry.id   6QFH
#
_cell.length_a   58.140
_cell.length_b   47.400
_cell.length_c   80.910
_cell.angle_alpha   90.000
_cell.angle_beta   99.080
_cell.angle_gamma   90.000
#
_symmetry.space_group_name_H-M   'P 1 21 1'
#
loop_
_entity.id
_entity.type
_entity.pdbx_description
1 polymer Kallikrein-6
2 non-polymer 4-[(5-phenyl-1~{H}-imidazol-2-yl)methylamino]-2-(pyridin-3-ylmethoxy)benzenecarboximidamide
3 non-polymer GLYCEROL
4 water water
#
_entity_poly.entity_id   1
_entity_poly.type   'polypeptide(L)'
_entity_poly.pdbx_seq_one_letter_code
;LVHGGPCDKTSHPYQAALYTSGHLLCGGVLIHPLWVLTAAHCKKPNLQVFLGKHNLGQQESSQEQSSVVRAVIHPDYDAA
SHDQDIMLLRLARPAKLSELIQPLPLERDCSAQTTSCHILGWGKTADGDFPDTIQCAYIHLVSREECEHAYPGQITQNML
CAGDEKYGKDSCQGDSGGPLVCGDHLRGLVSWGDYPCGSKERPGVYTNVCRYTNWIQKTIQA
;
_entity_poly.pdbx_strand_id   A,B
#
loop_
_chem_comp.id
_chem_comp.type
_chem_comp.name
_chem_comp.formula
GOL non-polymer GLYCEROL 'C3 H8 O3'
J08 non-polymer 4-[(5-phenyl-1~{H}-imidazol-2-yl)methylamino]-2-(pyridin-3-ylmethoxy)benzenecarboximidamide 'C23 H22 N6 O'
#
# COMPACT_ATOMS: atom_id res chain seq x y z
N LEU A 1 10.57 3.27 -9.09
CA LEU A 1 11.80 3.61 -9.80
C LEU A 1 11.97 2.52 -10.87
N VAL A 2 12.01 2.96 -12.11
CA VAL A 2 12.12 2.08 -13.27
C VAL A 2 13.54 2.04 -13.83
N HIS A 3 13.96 0.84 -14.29
CA HIS A 3 15.24 0.56 -14.96
C HIS A 3 16.47 0.72 -14.06
N GLY A 4 16.26 0.62 -12.74
CA GLY A 4 17.33 0.66 -11.77
C GLY A 4 17.59 -0.72 -11.23
N GLY A 5 18.19 -0.78 -10.06
CA GLY A 5 18.46 -2.04 -9.38
C GLY A 5 18.44 -1.86 -7.88
N PRO A 6 18.60 -2.96 -7.12
CA PRO A 6 18.64 -2.83 -5.65
C PRO A 6 19.78 -1.93 -5.20
N CYS A 7 19.56 -1.13 -4.15
CA CYS A 7 20.60 -0.26 -3.61
C CYS A 7 21.52 -1.10 -2.76
N ASP A 8 22.72 -0.56 -2.50
CA ASP A 8 23.64 -1.10 -1.53
C ASP A 8 22.93 -0.72 -0.20
N LYS A 9 22.64 -1.71 0.66
CA LYS A 9 21.87 -1.50 1.89
C LYS A 9 22.45 -0.44 2.87
N THR A 10 23.72 -0.03 2.68
CA THR A 10 24.38 0.92 3.56
C THR A 10 24.47 2.31 2.92
N SER A 11 23.96 2.45 1.68
CA SER A 11 24.09 3.70 0.93
C SER A 11 22.94 4.72 1.07
N HIS A 12 21.83 4.32 1.70
CA HIS A 12 20.64 5.21 1.76
C HIS A 12 20.15 5.48 3.20
N PRO A 13 21.02 5.86 4.18
CA PRO A 13 20.54 5.99 5.57
C PRO A 13 19.55 7.12 5.80
N TYR A 14 19.41 8.03 4.83
CA TYR A 14 18.48 9.19 4.91
C TYR A 14 17.10 8.86 4.37
N GLN A 15 16.95 7.69 3.75
CA GLN A 15 15.70 7.33 3.09
C GLN A 15 14.57 6.99 4.05
N ALA A 16 13.41 7.63 3.86
CA ALA A 16 12.24 7.32 4.67
C ALA A 16 11.16 6.67 3.79
N ALA A 17 10.38 5.76 4.39
CA ALA A 17 9.22 5.16 3.71
C ALA A 17 8.01 5.71 4.48
N LEU A 18 7.05 6.28 3.74
CA LEU A 18 5.84 6.90 4.29
C LEU A 18 4.66 5.99 3.97
N TYR A 19 3.95 5.53 5.02
CA TYR A 19 2.79 4.66 4.93
C TYR A 19 1.51 5.34 5.38
N THR A 20 0.40 4.97 4.75
CA THR A 20 -0.94 5.34 5.17
C THR A 20 -1.82 4.19 4.75
N SER A 21 -2.86 3.86 5.55
CA SER A 21 -3.77 2.73 5.25
C SER A 21 -3.05 1.38 5.05
N GLY A 22 -1.88 1.22 5.67
CA GLY A 22 -1.08 0.00 5.64
C GLY A 22 -0.28 -0.29 4.38
N HIS A 23 -0.22 0.66 3.44
CA HIS A 23 0.56 0.50 2.22
C HIS A 23 1.53 1.65 2.00
N LEU A 24 2.59 1.40 1.21
CA LEU A 24 3.57 2.44 0.89
C LEU A 24 2.90 3.55 0.08
N LEU A 25 3.09 4.80 0.52
CA LEU A 25 2.53 5.93 -0.18
C LEU A 25 3.62 6.76 -0.89
N CYS A 26 4.68 7.10 -0.16
CA CYS A 26 5.73 8.02 -0.62
C CYS A 26 7.08 7.66 -0.02
N GLY A 27 8.09 8.29 -0.54
CA GLY A 27 9.39 8.30 0.09
C GLY A 27 9.50 9.60 0.85
N GLY A 28 10.63 9.80 1.49
CA GLY A 28 10.93 11.01 2.24
C GLY A 28 12.40 11.05 2.54
N VAL A 29 12.86 12.17 3.10
CA VAL A 29 14.27 12.31 3.39
C VAL A 29 14.42 12.78 4.81
N LEU A 30 15.21 12.06 5.62
CA LEU A 30 15.52 12.50 6.96
C LEU A 30 16.49 13.67 6.84
N ILE A 31 16.14 14.85 7.35
CA ILE A 31 17.02 16.02 7.27
C ILE A 31 17.49 16.53 8.63
N HIS A 32 16.89 16.01 9.70
CA HIS A 32 17.14 16.40 11.08
C HIS A 32 16.50 15.27 11.91
N PRO A 33 17.02 14.91 13.09
CA PRO A 33 16.40 13.80 13.84
C PRO A 33 14.88 13.94 14.08
N LEU A 34 14.33 15.18 14.05
CA LEU A 34 12.90 15.39 14.29
C LEU A 34 12.11 15.67 12.99
N TRP A 35 12.78 15.73 11.83
CA TRP A 35 12.09 16.12 10.59
C TRP A 35 12.38 15.30 9.35
N VAL A 36 11.31 14.99 8.63
CA VAL A 36 11.43 14.32 7.33
C VAL A 36 10.85 15.31 6.28
N LEU A 37 11.56 15.46 5.16
CA LEU A 37 11.14 16.33 4.07
C LEU A 37 10.57 15.40 2.98
N THR A 38 9.40 15.79 2.43
CA THR A 38 8.75 15.00 1.39
C THR A 38 7.96 15.96 0.48
N ALA A 39 7.19 15.41 -0.46
CA ALA A 39 6.42 16.22 -1.37
C ALA A 39 5.05 16.57 -0.70
N ALA A 40 4.53 17.79 -0.96
CA ALA A 40 3.19 18.18 -0.43
C ALA A 40 2.04 17.28 -0.96
N HIS A 41 2.20 16.64 -2.13
CA HIS A 41 1.14 15.74 -2.62
C HIS A 41 1.10 14.41 -1.85
N CYS A 42 2.02 14.21 -0.90
CA CYS A 42 2.05 13.04 -0.04
C CYS A 42 1.21 13.23 1.22
N LYS A 43 0.56 14.40 1.37
CA LYS A 43 -0.24 14.63 2.57
C LYS A 43 -1.47 13.73 2.59
N LYS A 44 -1.53 12.83 3.54
CA LYS A 44 -2.65 11.91 3.71
C LYS A 44 -2.83 11.72 5.21
N PRO A 45 -4.03 11.28 5.69
CA PRO A 45 -4.17 11.11 7.15
C PRO A 45 -3.28 10.02 7.74
N ASN A 46 -2.93 10.19 9.03
CA ASN A 46 -2.22 9.22 9.81
C ASN A 46 -0.95 8.68 9.14
N LEU A 47 -0.08 9.59 8.61
CA LEU A 47 1.17 9.14 8.04
C LEU A 47 2.04 8.44 9.08
N GLN A 48 2.61 7.29 8.71
CA GLN A 48 3.54 6.57 9.56
C GLN A 48 4.90 6.58 8.82
N VAL A 49 5.95 7.07 9.50
CA VAL A 49 7.27 7.16 8.90
C VAL A 49 8.14 6.00 9.35
N PHE A 50 8.75 5.32 8.36
CA PHE A 50 9.69 4.25 8.64
C PHE A 50 11.07 4.67 8.20
N LEU A 51 12.01 4.61 9.14
CA LEU A 51 13.44 4.90 8.94
C LEU A 51 14.27 3.60 9.06
N GLY A 52 15.40 3.54 8.37
CA GLY A 52 16.30 2.37 8.39
C GLY A 52 15.78 1.14 7.68
N LYS A 53 14.83 1.34 6.75
CA LYS A 53 14.26 0.28 5.92
C LYS A 53 15.05 0.10 4.64
N HIS A 54 15.13 -1.15 4.19
CA HIS A 54 15.75 -1.57 2.94
C HIS A 54 14.71 -2.49 2.23
N ASN A 55 14.23 -3.52 2.94
CA ASN A 55 13.23 -4.44 2.41
C ASN A 55 11.96 -4.28 3.24
N LEU A 56 10.90 -3.80 2.58
CA LEU A 56 9.60 -3.53 3.21
C LEU A 56 8.87 -4.82 3.60
N GLY A 57 9.24 -5.95 2.98
CA GLY A 57 8.59 -7.24 3.23
C GLY A 57 9.08 -7.99 4.43
N GLN A 58 10.13 -7.49 5.10
CA GLN A 58 10.71 -8.11 6.28
C GLN A 58 10.96 -7.11 7.39
N GLN A 59 10.91 -7.60 8.63
CA GLN A 59 11.20 -6.83 9.83
C GLN A 59 12.72 -6.80 9.93
N GLU A 60 13.29 -5.59 9.94
CA GLU A 60 14.74 -5.38 9.97
C GLU A 60 15.21 -4.83 11.30
N SER A 61 16.41 -5.24 11.78
CA SER A 61 16.96 -4.77 13.07
C SER A 61 17.29 -3.28 13.07
N SER A 62 17.45 -2.69 11.88
CA SER A 62 17.81 -1.28 11.74
C SER A 62 16.62 -0.33 11.72
N GLN A 63 15.39 -0.86 11.46
CA GLN A 63 14.21 -0.02 11.29
C GLN A 63 13.68 0.64 12.56
N GLU A 64 13.18 1.86 12.38
CA GLU A 64 12.57 2.72 13.37
C GLU A 64 11.28 3.24 12.77
N GLN A 65 10.26 3.42 13.61
CA GLN A 65 8.94 3.86 13.19
C GLN A 65 8.52 5.07 14.00
N SER A 66 7.79 6.01 13.36
CA SER A 66 7.29 7.20 14.04
C SER A 66 6.04 7.70 13.42
N SER A 67 5.12 8.19 14.26
CA SER A 67 3.92 8.86 13.83
C SER A 67 4.36 10.31 13.56
N VAL A 68 3.47 11.07 12.90
CA VAL A 68 3.73 12.47 12.58
C VAL A 68 2.96 13.39 13.54
N VAL A 69 3.66 14.34 14.21
CA VAL A 69 3.08 15.35 15.12
C VAL A 69 2.26 16.33 14.29
N ARG A 70 2.90 16.91 13.26
CA ARG A 70 2.27 17.84 12.37
C ARG A 70 2.94 17.79 10.98
N ALA A 71 2.16 18.09 9.96
CA ALA A 71 2.62 18.10 8.58
C ALA A 71 2.56 19.55 8.18
N VAL A 72 3.68 20.11 7.69
CA VAL A 72 3.74 21.51 7.32
C VAL A 72 3.92 21.63 5.79
N ILE A 73 2.83 21.93 5.06
CA ILE A 73 2.91 22.10 3.62
C ILE A 73 3.34 23.52 3.35
N HIS A 74 4.14 23.74 2.31
CA HIS A 74 4.58 25.07 1.94
C HIS A 74 3.34 25.98 1.69
N PRO A 75 3.32 27.21 2.24
CA PRO A 75 2.11 28.06 2.07
C PRO A 75 1.68 28.32 0.64
N ASP A 76 2.62 28.25 -0.31
CA ASP A 76 2.34 28.54 -1.70
C ASP A 76 2.25 27.31 -2.58
N TYR A 77 2.10 26.12 -1.99
CA TYR A 77 1.95 24.91 -2.78
C TYR A 77 0.70 25.03 -3.67
N ASP A 78 0.84 24.72 -4.96
CA ASP A 78 -0.28 24.74 -5.90
C ASP A 78 -0.45 23.34 -6.48
N ALA A 79 -1.40 22.55 -5.94
CA ALA A 79 -1.62 21.15 -6.37
C ALA A 79 -1.92 21.01 -7.87
N ALA A 80 -2.59 22.04 -8.48
CA ALA A 80 -2.92 22.02 -9.91
C ALA A 80 -1.71 21.97 -10.84
N SER A 81 -0.66 22.73 -10.50
CA SER A 81 0.56 22.86 -11.31
C SER A 81 1.80 22.18 -10.69
N HIS A 82 1.67 21.60 -9.48
CA HIS A 82 2.76 20.95 -8.72
C HIS A 82 3.79 21.98 -8.21
N ASP A 83 3.49 23.26 -8.33
CA ASP A 83 4.44 24.31 -7.92
C ASP A 83 4.61 24.36 -6.41
N GLN A 84 5.87 24.37 -5.96
CA GLN A 84 6.27 24.44 -4.51
C GLN A 84 5.78 23.17 -3.76
N ASP A 85 6.08 22.00 -4.35
CA ASP A 85 5.65 20.67 -3.89
C ASP A 85 6.57 20.17 -2.78
N ILE A 86 6.39 20.75 -1.59
CA ILE A 86 7.29 20.44 -0.46
C ILE A 86 6.51 20.50 0.84
N MET A 87 6.86 19.57 1.74
CA MET A 87 6.19 19.42 3.02
C MET A 87 7.19 18.88 4.02
N LEU A 88 7.12 19.40 5.25
CA LEU A 88 7.94 18.99 6.40
C LEU A 88 7.08 18.19 7.33
N LEU A 89 7.59 17.06 7.79
CA LEU A 89 6.89 16.21 8.74
C LEU A 89 7.68 16.19 10.04
N ARG A 90 7.01 16.55 11.14
CA ARG A 90 7.65 16.50 12.45
C ARG A 90 7.38 15.16 13.07
N LEU A 91 8.45 14.44 13.40
CA LEU A 91 8.38 13.09 13.99
C LEU A 91 8.00 13.17 15.48
N ALA A 92 7.15 12.23 15.94
CA ALA A 92 6.71 12.17 17.35
C ALA A 92 7.86 11.80 18.25
N ARG A 93 8.79 11.00 17.72
CA ARG A 93 9.99 10.55 18.40
C ARG A 93 11.23 10.92 17.57
N PRO A 94 12.25 11.59 18.18
CA PRO A 94 13.49 11.86 17.42
C PRO A 94 14.08 10.56 16.88
N ALA A 95 14.56 10.58 15.63
CA ALA A 95 15.17 9.42 14.96
C ALA A 95 16.41 8.98 15.75
N LYS A 96 16.47 7.68 16.07
CA LYS A 96 17.60 7.07 16.79
C LYS A 96 18.66 6.81 15.70
N LEU A 97 19.63 7.71 15.62
CA LEU A 97 20.65 7.63 14.57
C LEU A 97 21.59 6.42 14.72
N SER A 98 21.95 5.83 13.58
CA SER A 98 22.82 4.66 13.49
C SER A 98 23.58 4.78 12.18
N GLU A 99 24.33 3.74 11.79
CA GLU A 99 25.01 3.78 10.50
C GLU A 99 23.97 3.62 9.37
N LEU A 100 22.75 3.17 9.73
CA LEU A 100 21.68 2.96 8.78
C LEU A 100 20.54 4.02 8.87
N ILE A 101 20.64 4.98 9.80
CA ILE A 101 19.68 6.08 9.99
C ILE A 101 20.50 7.35 10.20
N GLN A 102 20.57 8.21 9.16
CA GLN A 102 21.34 9.46 9.23
C GLN A 102 20.64 10.54 8.39
N PRO A 103 20.72 11.82 8.78
CA PRO A 103 20.16 12.87 7.92
C PRO A 103 21.03 13.14 6.69
N LEU A 104 20.41 13.73 5.66
CA LEU A 104 21.13 14.11 4.46
C LEU A 104 21.23 15.64 4.44
N PRO A 105 22.43 16.23 4.25
CA PRO A 105 22.52 17.70 4.19
C PRO A 105 21.86 18.24 2.92
N LEU A 106 21.27 19.43 2.99
CA LEU A 106 20.61 20.04 1.84
C LEU A 106 21.56 20.87 1.01
N GLU A 107 21.31 20.88 -0.29
CA GLU A 107 21.99 21.78 -1.20
C GLU A 107 21.32 23.15 -1.02
N ARG A 108 22.07 24.17 -0.54
CA ARG A 108 21.53 25.53 -0.37
C ARG A 108 21.88 26.43 -1.55
N ASP A 109 22.82 25.97 -2.41
CA ASP A 109 23.29 26.74 -3.55
C ASP A 109 22.49 26.41 -4.79
N CYS A 110 21.62 27.35 -5.23
CA CYS A 110 20.81 27.15 -6.43
C CYS A 110 21.64 27.13 -7.72
N SER A 111 22.87 27.64 -7.68
CA SER A 111 23.77 27.61 -8.84
C SER A 111 24.64 26.37 -8.84
N ALA A 112 24.48 25.50 -7.81
CA ALA A 112 25.31 24.31 -7.62
C ALA A 112 25.57 23.54 -8.87
N GLN A 113 26.85 23.27 -9.03
CA GLN A 113 27.54 22.63 -10.13
C GLN A 113 27.06 21.24 -10.47
N THR A 114 27.35 20.27 -9.59
CA THR A 114 27.10 18.84 -9.76
C THR A 114 25.88 18.46 -10.59
N THR A 115 26.15 17.81 -11.72
CA THR A 115 25.09 17.36 -12.62
C THR A 115 24.86 15.85 -12.51
N SER A 116 25.82 15.11 -11.91
CA SER A 116 25.69 13.66 -11.74
C SER A 116 25.01 13.37 -10.40
N CYS A 117 23.85 12.69 -10.50
CA CYS A 117 22.95 12.47 -9.38
C CYS A 117 22.41 11.08 -9.27
N HIS A 118 21.71 10.80 -8.15
CA HIS A 118 21.05 9.52 -8.02
C HIS A 118 19.67 9.66 -7.35
N ILE A 119 18.80 8.74 -7.68
CA ILE A 119 17.45 8.66 -7.13
C ILE A 119 17.24 7.31 -6.50
N LEU A 120 16.29 7.24 -5.57
CA LEU A 120 16.00 5.98 -4.89
C LEU A 120 14.59 5.94 -4.39
N GLY A 121 14.04 4.75 -4.26
CA GLY A 121 12.69 4.61 -3.76
C GLY A 121 12.06 3.25 -3.92
N TRP A 122 10.91 3.08 -3.28
CA TRP A 122 10.14 1.83 -3.32
C TRP A 122 8.93 1.94 -4.24
N GLY A 123 8.98 2.89 -5.16
CA GLY A 123 7.92 3.11 -6.12
C GLY A 123 7.85 1.99 -7.15
N LYS A 124 6.86 2.03 -8.03
CA LYS A 124 6.64 1.03 -9.10
C LYS A 124 7.86 0.86 -10.00
N THR A 125 8.21 -0.40 -10.27
CA THR A 125 9.32 -0.77 -11.16
C THR A 125 8.77 -1.04 -12.57
N ALA A 126 9.68 -1.38 -13.52
CA ALA A 126 9.35 -1.67 -14.93
C ALA A 126 8.19 -2.65 -15.10
N ASP A 127 8.16 -3.74 -14.29
CA ASP A 127 7.10 -4.76 -14.31
C ASP A 127 5.74 -4.27 -13.77
N GLY A 128 5.71 -3.05 -13.20
CA GLY A 128 4.52 -2.42 -12.66
C GLY A 128 4.22 -2.76 -11.22
N ASP A 129 4.99 -3.70 -10.62
CA ASP A 129 4.80 -4.10 -9.22
C ASP A 129 5.50 -3.10 -8.29
N PHE A 130 5.18 -3.19 -6.99
CA PHE A 130 5.79 -2.38 -5.94
C PHE A 130 6.82 -3.25 -5.26
N PRO A 131 8.13 -2.93 -5.43
CA PRO A 131 9.18 -3.80 -4.88
C PRO A 131 9.30 -3.76 -3.38
N ASP A 132 9.67 -4.90 -2.80
CA ASP A 132 9.95 -4.97 -1.38
C ASP A 132 11.29 -4.31 -1.12
N THR A 133 12.25 -4.46 -2.07
CA THR A 133 13.61 -3.93 -1.92
C THR A 133 13.75 -2.59 -2.63
N ILE A 134 14.33 -1.62 -1.92
CA ILE A 134 14.58 -0.26 -2.42
C ILE A 134 15.41 -0.28 -3.72
N GLN A 135 15.04 0.59 -4.66
CA GLN A 135 15.69 0.68 -5.97
C GLN A 135 16.48 1.96 -6.08
N CYS A 136 17.63 1.89 -6.78
CA CYS A 136 18.56 3.01 -7.00
C CYS A 136 18.85 3.15 -8.48
N ALA A 137 19.10 4.39 -8.93
CA ALA A 137 19.51 4.67 -10.31
C ALA A 137 20.31 5.94 -10.38
N TYR A 138 21.36 5.92 -11.20
CA TYR A 138 22.15 7.13 -11.45
C TYR A 138 21.47 7.82 -12.62
N ILE A 139 21.21 9.13 -12.47
CA ILE A 139 20.56 9.98 -13.47
C ILE A 139 21.31 11.30 -13.58
N HIS A 140 20.97 12.12 -14.56
CA HIS A 140 21.67 13.38 -14.75
C HIS A 140 20.70 14.52 -14.80
N LEU A 141 21.13 15.68 -14.30
CA LEU A 141 20.34 16.90 -14.37
C LEU A 141 20.16 17.29 -15.83
N VAL A 142 18.94 17.71 -16.17
CA VAL A 142 18.54 18.13 -17.51
C VAL A 142 18.40 19.65 -17.41
N SER A 143 18.96 20.37 -18.39
CA SER A 143 18.92 21.83 -18.44
C SER A 143 17.49 22.34 -18.42
N ARG A 144 17.29 23.54 -17.82
CA ARG A 144 16.01 24.22 -17.68
C ARG A 144 15.28 24.40 -19.03
N GLU A 145 16.01 24.84 -20.08
CA GLU A 145 15.46 25.04 -21.43
C GLU A 145 14.95 23.72 -22.03
N GLU A 146 15.70 22.62 -21.83
CA GLU A 146 15.36 21.30 -22.34
C GLU A 146 14.12 20.73 -21.65
N CYS A 147 13.99 20.97 -20.33
CA CYS A 147 12.82 20.50 -19.60
C CYS A 147 11.59 21.30 -19.97
N GLU A 148 11.78 22.60 -20.23
CA GLU A 148 10.71 23.51 -20.65
C GLU A 148 10.08 23.06 -21.99
N HIS A 149 10.86 22.42 -22.90
CA HIS A 149 10.30 21.94 -24.15
C HIS A 149 9.58 20.61 -23.97
N ALA A 150 10.06 19.77 -23.03
CA ALA A 150 9.45 18.47 -22.74
C ALA A 150 8.05 18.64 -22.16
N TYR A 151 7.85 19.71 -21.33
CA TYR A 151 6.60 20.03 -20.66
C TYR A 151 6.30 21.53 -20.83
N PRO A 152 5.83 21.98 -22.02
CA PRO A 152 5.59 23.42 -22.23
C PRO A 152 4.68 24.09 -21.21
N GLY A 153 5.11 25.25 -20.71
CA GLY A 153 4.43 26.08 -19.73
C GLY A 153 4.31 25.51 -18.31
N GLN A 154 4.85 24.30 -18.06
CA GLN A 154 4.74 23.60 -16.77
C GLN A 154 5.93 23.73 -15.78
N ILE A 155 7.13 24.09 -16.26
CA ILE A 155 8.33 24.17 -15.41
C ILE A 155 8.57 25.54 -14.79
N THR A 156 8.53 25.62 -13.44
CA THR A 156 8.81 26.87 -12.71
C THR A 156 10.23 26.83 -12.13
N GLN A 157 10.68 27.97 -11.59
CA GLN A 157 12.00 28.09 -10.94
C GLN A 157 12.08 27.24 -9.66
N ASN A 158 10.94 26.72 -9.18
CA ASN A 158 10.90 25.86 -7.98
C ASN A 158 11.01 24.38 -8.36
N MET A 159 11.38 24.10 -9.61
CA MET A 159 11.49 22.73 -10.11
C MET A 159 12.84 22.53 -10.78
N LEU A 160 13.34 21.29 -10.74
CA LEU A 160 14.59 20.86 -11.41
C LEU A 160 14.25 19.67 -12.22
N CYS A 161 14.91 19.49 -13.35
CA CYS A 161 14.65 18.27 -14.11
C CYS A 161 15.86 17.39 -14.21
N ALA A 162 15.60 16.07 -14.21
CA ALA A 162 16.63 15.03 -14.23
C ALA A 162 16.13 13.74 -14.85
N GLY A 163 17.03 13.06 -15.54
CA GLY A 163 16.67 11.80 -16.18
C GLY A 163 17.82 11.12 -16.86
N ASP A 164 17.50 10.05 -17.61
CA ASP A 164 18.45 9.21 -18.31
C ASP A 164 18.02 9.01 -19.77
N GLU A 165 18.68 9.75 -20.70
CA GLU A 165 18.42 9.69 -22.14
C GLU A 165 18.65 8.29 -22.75
N LYS A 166 19.62 7.54 -22.21
CA LYS A 166 20.01 6.21 -22.69
C LYS A 166 19.01 5.09 -22.39
N TYR A 167 18.65 4.87 -21.10
CA TYR A 167 17.76 3.75 -20.73
C TYR A 167 16.41 4.17 -20.10
N GLY A 168 16.23 5.46 -19.84
CA GLY A 168 15.00 5.97 -19.25
C GLY A 168 14.87 5.77 -17.74
N LYS A 169 16.01 5.65 -17.00
CA LYS A 169 15.95 5.52 -15.52
C LYS A 169 15.14 6.71 -15.00
N ASP A 170 14.11 6.44 -14.17
CA ASP A 170 13.20 7.49 -13.72
C ASP A 170 12.52 7.12 -12.42
N SER A 171 12.06 8.14 -11.66
CA SER A 171 11.29 7.87 -10.45
C SER A 171 9.82 7.61 -10.93
N CYS A 172 8.97 7.07 -10.06
CA CYS A 172 7.61 6.65 -10.42
C CYS A 172 6.65 6.87 -9.24
N GLN A 173 5.38 6.46 -9.41
CA GLN A 173 4.36 6.52 -8.35
C GLN A 173 4.89 5.74 -7.18
N GLY A 174 4.84 6.34 -5.98
CA GLY A 174 5.38 5.70 -4.80
C GLY A 174 6.75 6.22 -4.41
N ASP A 175 7.49 6.84 -5.38
CA ASP A 175 8.82 7.43 -5.16
C ASP A 175 8.70 8.89 -4.72
N SER A 176 7.54 9.51 -4.96
CA SER A 176 7.18 10.91 -4.60
C SER A 176 7.75 11.25 -3.22
N GLY A 177 8.40 12.40 -3.12
CA GLY A 177 8.99 12.89 -1.87
C GLY A 177 10.36 12.36 -1.56
N GLY A 178 10.82 11.39 -2.36
CA GLY A 178 12.13 10.78 -2.22
C GLY A 178 13.21 11.72 -2.71
N PRO A 179 14.47 11.35 -2.45
CA PRO A 179 15.55 12.27 -2.75
C PRO A 179 16.17 12.17 -4.14
N LEU A 180 16.59 13.33 -4.63
CA LEU A 180 17.45 13.49 -5.82
C LEU A 180 18.77 13.96 -5.16
N VAL A 181 19.78 13.07 -5.09
CA VAL A 181 21.06 13.34 -4.42
C VAL A 181 22.12 13.71 -5.43
N CYS A 182 22.75 14.88 -5.24
CA CYS A 182 23.82 15.38 -6.12
C CYS A 182 24.96 15.86 -5.23
N GLY A 183 26.15 15.29 -5.42
CA GLY A 183 27.31 15.61 -4.61
C GLY A 183 27.08 15.39 -3.12
N ASP A 184 26.40 14.28 -2.78
CA ASP A 184 26.06 13.84 -1.42
C ASP A 184 25.24 14.90 -0.63
N HIS A 185 24.46 15.70 -1.38
CA HIS A 185 23.56 16.71 -0.84
C HIS A 185 22.19 16.50 -1.46
N LEU A 186 21.13 16.85 -0.70
CA LEU A 186 19.76 16.77 -1.22
C LEU A 186 19.58 17.94 -2.18
N ARG A 187 19.41 17.63 -3.45
CA ARG A 187 19.21 18.65 -4.47
C ARG A 187 17.73 18.81 -4.82
N GLY A 188 17.00 17.71 -4.80
CA GLY A 188 15.60 17.78 -5.14
C GLY A 188 14.74 16.72 -4.50
N LEU A 189 13.42 16.84 -4.67
CA LEU A 189 12.48 15.84 -4.17
C LEU A 189 11.66 15.34 -5.33
N VAL A 190 11.45 14.03 -5.40
CA VAL A 190 10.59 13.42 -6.45
C VAL A 190 9.22 14.13 -6.46
N SER A 191 8.84 14.74 -7.58
CA SER A 191 7.59 15.46 -7.65
C SER A 191 6.65 14.87 -8.72
N TRP A 192 7.01 14.98 -10.00
CA TRP A 192 6.17 14.43 -11.08
C TRP A 192 7.04 14.11 -12.29
N GLY A 193 6.43 13.82 -13.42
CA GLY A 193 7.15 13.52 -14.65
C GLY A 193 6.23 12.92 -15.68
N ASP A 194 6.79 12.08 -16.57
CA ASP A 194 6.03 11.42 -17.62
C ASP A 194 5.17 10.25 -17.17
N TYR A 195 4.11 9.98 -17.96
CA TYR A 195 3.25 8.82 -17.77
C TYR A 195 3.25 8.00 -19.07
N PRO A 196 3.68 6.71 -19.05
CA PRO A 196 4.18 5.95 -17.90
C PRO A 196 5.58 6.44 -17.48
N CYS A 197 6.05 5.96 -16.33
CA CYS A 197 7.38 6.32 -15.83
C CYS A 197 8.44 5.78 -16.81
N GLY A 198 9.47 6.58 -16.99
CA GLY A 198 10.56 6.36 -17.93
C GLY A 198 10.96 7.74 -18.41
N SER A 199 12.27 8.05 -18.40
CA SER A 199 12.72 9.38 -18.78
C SER A 199 13.45 9.45 -20.15
N LYS A 200 13.34 8.39 -20.99
CA LYS A 200 13.97 8.40 -22.32
C LYS A 200 13.53 9.65 -23.11
N GLU A 201 12.20 9.88 -23.20
CA GLU A 201 11.60 11.02 -23.91
C GLU A 201 11.58 12.34 -23.12
N ARG A 202 10.88 12.35 -21.94
CA ARG A 202 10.71 13.53 -21.07
C ARG A 202 11.29 13.23 -19.67
N PRO A 203 12.07 14.17 -19.09
CA PRO A 203 12.72 13.89 -17.79
C PRO A 203 11.80 13.90 -16.58
N GLY A 204 12.31 13.42 -15.45
CA GLY A 204 11.60 13.48 -14.17
C GLY A 204 11.62 14.92 -13.67
N VAL A 205 10.56 15.37 -12.97
CA VAL A 205 10.52 16.76 -12.46
C VAL A 205 10.58 16.70 -10.92
N TYR A 206 11.51 17.46 -10.35
CA TYR A 206 11.84 17.44 -8.93
C TYR A 206 11.68 18.80 -8.26
N THR A 207 11.23 18.82 -7.00
CA THR A 207 11.12 20.08 -6.27
C THR A 207 12.56 20.59 -6.03
N ASN A 208 12.80 21.85 -6.33
CA ASN A 208 14.13 22.49 -6.19
C ASN A 208 14.39 22.89 -4.72
N VAL A 209 15.01 22.00 -3.94
CA VAL A 209 15.22 22.19 -2.51
C VAL A 209 15.99 23.48 -2.12
N CYS A 210 16.96 23.90 -2.94
CA CYS A 210 17.75 25.11 -2.64
C CYS A 210 16.91 26.39 -2.44
N ARG A 211 15.72 26.41 -3.05
CA ARG A 211 14.81 27.57 -2.98
CA ARG A 211 14.80 27.54 -2.99
C ARG A 211 14.11 27.69 -1.62
N TYR A 212 14.12 26.60 -0.82
CA TYR A 212 13.39 26.52 0.43
C TYR A 212 14.21 26.62 1.71
N THR A 213 15.47 27.06 1.60
CA THR A 213 16.33 27.21 2.77
C THR A 213 15.68 27.99 3.92
N ASN A 214 15.14 29.20 3.63
CA ASN A 214 14.55 30.04 4.66
C ASN A 214 13.33 29.41 5.32
N TRP A 215 12.41 28.85 4.50
CA TRP A 215 11.18 28.24 4.96
C TRP A 215 11.45 26.98 5.81
N ILE A 216 12.43 26.16 5.39
CA ILE A 216 12.79 24.96 6.14
C ILE A 216 13.34 25.38 7.53
N GLN A 217 14.27 26.38 7.54
CA GLN A 217 14.87 26.89 8.78
C GLN A 217 13.79 27.43 9.74
N LYS A 218 12.91 28.30 9.22
CA LYS A 218 11.83 28.95 9.96
C LYS A 218 10.87 27.87 10.52
N THR A 219 10.54 26.81 9.74
CA THR A 219 9.66 25.74 10.22
C THR A 219 10.27 24.93 11.33
N ILE A 220 11.53 24.54 11.15
CA ILE A 220 12.25 23.77 12.15
C ILE A 220 12.40 24.58 13.44
N GLN A 221 12.62 25.90 13.33
CA GLN A 221 12.80 26.69 14.57
C GLN A 221 11.48 27.09 15.25
N ALA A 222 10.30 26.86 14.60
CA ALA A 222 9.00 27.27 15.17
C ALA A 222 8.58 26.56 16.46
N LEU B 1 -1.98 -14.44 6.82
CA LEU B 1 -2.58 -14.28 8.14
C LEU B 1 -1.48 -14.49 9.18
N VAL B 2 -1.29 -13.51 10.06
CA VAL B 2 -0.22 -13.56 11.08
C VAL B 2 -0.71 -14.02 12.44
N HIS B 3 0.10 -14.91 13.10
CA HIS B 3 -0.07 -15.45 14.47
C HIS B 3 -1.19 -16.44 14.61
N GLY B 4 -1.58 -17.02 13.48
CA GLY B 4 -2.60 -18.05 13.43
C GLY B 4 -1.94 -19.41 13.34
N GLY B 5 -2.68 -20.34 12.77
CA GLY B 5 -2.26 -21.72 12.61
C GLY B 5 -3.02 -22.35 11.49
N PRO B 6 -2.64 -23.58 11.04
CA PRO B 6 -3.37 -24.21 9.93
C PRO B 6 -4.85 -24.47 10.27
N CYS B 7 -5.76 -24.22 9.31
CA CYS B 7 -7.18 -24.47 9.54
C CYS B 7 -7.44 -25.96 9.64
N ASP B 8 -8.61 -26.32 10.20
CA ASP B 8 -9.14 -27.68 10.18
C ASP B 8 -9.59 -27.83 8.70
N LYS B 9 -9.19 -28.93 8.06
CA LYS B 9 -9.46 -29.29 6.64
C LYS B 9 -10.91 -29.13 6.20
N THR B 10 -11.85 -29.44 7.09
CA THR B 10 -13.28 -29.45 6.77
C THR B 10 -14.04 -28.18 7.20
N SER B 11 -13.37 -27.18 7.78
CA SER B 11 -14.04 -26.02 8.33
C SER B 11 -14.18 -24.82 7.41
N HIS B 12 -13.66 -24.89 6.16
CA HIS B 12 -13.71 -23.69 5.31
C HIS B 12 -14.24 -23.98 3.90
N PRO B 13 -15.40 -24.67 3.74
CA PRO B 13 -15.87 -25.03 2.39
C PRO B 13 -16.23 -23.86 1.49
N TYR B 14 -16.42 -22.68 2.10
CA TYR B 14 -16.80 -21.47 1.38
C TYR B 14 -15.55 -20.70 0.85
N GLN B 15 -14.35 -21.11 1.26
CA GLN B 15 -13.16 -20.35 0.86
C GLN B 15 -12.75 -20.58 -0.57
N ALA B 16 -12.44 -19.47 -1.27
CA ALA B 16 -11.90 -19.53 -2.62
C ALA B 16 -10.45 -18.96 -2.60
N ALA B 17 -9.59 -19.43 -3.52
CA ALA B 17 -8.23 -18.92 -3.79
C ALA B 17 -8.32 -18.31 -5.17
N LEU B 18 -7.88 -17.06 -5.28
CA LEU B 18 -7.88 -16.34 -6.54
C LEU B 18 -6.49 -16.24 -7.08
N TYR B 19 -6.32 -16.68 -8.35
CA TYR B 19 -5.02 -16.66 -9.01
C TYR B 19 -5.05 -15.74 -10.23
N THR B 20 -3.90 -15.17 -10.55
CA THR B 20 -3.67 -14.36 -11.75
C THR B 20 -2.29 -14.74 -12.30
N SER B 21 -2.25 -15.19 -13.56
CA SER B 21 -1.03 -15.64 -14.26
C SER B 21 -0.23 -16.70 -13.43
N GLY B 22 -0.95 -17.63 -12.78
CA GLY B 22 -0.37 -18.71 -11.99
C GLY B 22 0.13 -18.31 -10.60
N HIS B 23 -0.05 -17.04 -10.22
CA HIS B 23 0.39 -16.52 -8.92
C HIS B 23 -0.82 -16.30 -8.02
N LEU B 24 -0.71 -16.69 -6.75
CA LEU B 24 -1.78 -16.48 -5.77
C LEU B 24 -1.96 -14.96 -5.61
N LEU B 25 -3.20 -14.49 -5.67
CA LEU B 25 -3.45 -13.07 -5.54
C LEU B 25 -4.21 -12.74 -4.29
N CYS B 26 -5.34 -13.44 -4.08
CA CYS B 26 -6.28 -13.02 -3.03
C CYS B 26 -7.05 -14.24 -2.57
N GLY B 27 -7.86 -14.04 -1.55
CA GLY B 27 -8.83 -15.04 -1.15
C GLY B 27 -10.17 -14.55 -1.70
N GLY B 28 -11.21 -15.30 -1.40
CA GLY B 28 -12.55 -14.97 -1.82
C GLY B 28 -13.52 -15.86 -1.07
N VAL B 29 -14.82 -15.59 -1.27
CA VAL B 29 -15.85 -16.34 -0.53
C VAL B 29 -16.95 -16.75 -1.50
N LEU B 30 -17.26 -18.05 -1.51
CA LEU B 30 -18.39 -18.53 -2.33
C LEU B 30 -19.71 -18.20 -1.63
N ILE B 31 -20.58 -17.42 -2.30
CA ILE B 31 -21.88 -17.03 -1.69
C ILE B 31 -23.08 -17.62 -2.44
N HIS B 32 -22.83 -18.15 -3.62
CA HIS B 32 -23.83 -18.72 -4.53
C HIS B 32 -23.09 -19.70 -5.43
N PRO B 33 -23.71 -20.76 -6.00
CA PRO B 33 -22.95 -21.65 -6.89
C PRO B 33 -22.23 -20.94 -8.05
N LEU B 34 -22.77 -19.80 -8.54
CA LEU B 34 -22.17 -19.06 -9.65
C LEU B 34 -21.32 -17.84 -9.23
N TRP B 35 -21.32 -17.49 -7.93
CA TRP B 35 -20.67 -16.24 -7.53
C TRP B 35 -19.76 -16.32 -6.35
N VAL B 36 -18.60 -15.65 -6.48
CA VAL B 36 -17.57 -15.49 -5.44
C VAL B 36 -17.43 -13.97 -5.14
N LEU B 37 -17.41 -13.63 -3.87
CA LEU B 37 -17.23 -12.25 -3.40
C LEU B 37 -15.75 -12.13 -3.02
N THR B 38 -15.15 -10.97 -3.33
CA THR B 38 -13.76 -10.70 -2.98
C THR B 38 -13.62 -9.18 -2.83
N ALA B 39 -12.40 -8.67 -2.61
CA ALA B 39 -12.15 -7.24 -2.48
C ALA B 39 -12.03 -6.63 -3.88
N ALA B 40 -12.48 -5.40 -4.05
CA ALA B 40 -12.30 -4.67 -5.33
C ALA B 40 -10.82 -4.46 -5.70
N HIS B 41 -9.93 -4.39 -4.70
CA HIS B 41 -8.51 -4.24 -5.00
C HIS B 41 -7.84 -5.50 -5.54
N CYS B 42 -8.60 -6.61 -5.64
CA CYS B 42 -8.15 -7.89 -6.18
C CYS B 42 -8.41 -7.95 -7.71
N LYS B 43 -8.93 -6.87 -8.31
CA LYS B 43 -9.29 -6.86 -9.74
C LYS B 43 -8.05 -6.95 -10.57
N LYS B 44 -7.93 -8.04 -11.32
CA LYS B 44 -6.78 -8.27 -12.21
C LYS B 44 -7.32 -8.98 -13.45
N PRO B 45 -6.62 -8.92 -14.61
CA PRO B 45 -7.14 -9.63 -15.79
C PRO B 45 -7.01 -11.14 -15.64
N ASN B 46 -7.93 -11.88 -16.28
CA ASN B 46 -7.94 -13.35 -16.37
C ASN B 46 -7.86 -14.06 -15.01
N LEU B 47 -8.76 -13.71 -14.09
CA LEU B 47 -8.75 -14.35 -12.78
C LEU B 47 -9.19 -15.81 -12.86
N GLN B 48 -8.51 -16.67 -12.10
CA GLN B 48 -8.86 -18.08 -11.98
C GLN B 48 -9.25 -18.32 -10.53
N VAL B 49 -10.39 -18.99 -10.30
CA VAL B 49 -10.87 -19.26 -8.94
C VAL B 49 -10.72 -20.75 -8.69
N PHE B 50 -10.19 -21.08 -7.52
CA PHE B 50 -10.07 -22.45 -7.07
C PHE B 50 -10.94 -22.60 -5.83
N LEU B 51 -11.86 -23.55 -5.90
CA LEU B 51 -12.72 -23.86 -4.76
C LEU B 51 -12.31 -25.25 -4.24
N GLY B 52 -12.69 -25.53 -3.00
CA GLY B 52 -12.45 -26.82 -2.33
C GLY B 52 -10.98 -27.10 -2.06
N LYS B 53 -10.15 -26.04 -1.98
CA LYS B 53 -8.72 -26.18 -1.70
C LYS B 53 -8.37 -25.94 -0.24
N HIS B 54 -7.31 -26.60 0.26
CA HIS B 54 -6.80 -26.43 1.62
C HIS B 54 -5.28 -26.18 1.54
N ASN B 55 -4.59 -27.05 0.76
CA ASN B 55 -3.14 -26.98 0.57
C ASN B 55 -2.84 -26.63 -0.88
N LEU B 56 -2.29 -25.44 -1.16
CA LEU B 56 -1.98 -25.00 -2.54
C LEU B 56 -0.85 -25.79 -3.21
N GLY B 57 -0.07 -26.52 -2.42
CA GLY B 57 1.06 -27.33 -2.86
C GLY B 57 0.71 -28.75 -3.29
N GLN B 58 -0.60 -29.06 -3.42
CA GLN B 58 -1.02 -30.41 -3.85
C GLN B 58 -2.36 -30.36 -4.55
N GLN B 59 -2.61 -31.33 -5.46
CA GLN B 59 -3.89 -31.42 -6.14
C GLN B 59 -4.85 -32.21 -5.21
N GLU B 60 -6.03 -31.65 -4.92
CA GLU B 60 -6.97 -32.21 -3.95
C GLU B 60 -8.21 -32.76 -4.61
N SER B 61 -8.69 -33.97 -4.20
CA SER B 61 -9.85 -34.59 -4.91
C SER B 61 -11.11 -33.71 -4.92
N SER B 62 -11.23 -32.84 -3.93
CA SER B 62 -12.38 -31.95 -3.74
C SER B 62 -12.34 -30.68 -4.54
N GLN B 63 -11.20 -30.35 -5.12
CA GLN B 63 -11.04 -29.04 -5.73
C GLN B 63 -11.70 -28.88 -7.07
N GLU B 64 -12.09 -27.63 -7.37
CA GLU B 64 -12.68 -27.25 -8.67
C GLU B 64 -12.07 -25.94 -9.09
N GLN B 65 -11.72 -25.79 -10.38
CA GLN B 65 -11.15 -24.55 -10.87
C GLN B 65 -12.05 -24.00 -11.97
N SER B 66 -12.19 -22.69 -12.03
CA SER B 66 -13.01 -22.05 -13.05
C SER B 66 -12.44 -20.68 -13.36
N SER B 67 -12.54 -20.27 -14.61
CA SER B 67 -12.17 -18.92 -14.99
C SER B 67 -13.37 -18.02 -14.56
N VAL B 68 -13.12 -16.71 -14.42
CA VAL B 68 -14.17 -15.72 -14.09
C VAL B 68 -14.70 -15.17 -15.42
N VAL B 69 -16.02 -15.24 -15.64
CA VAL B 69 -16.57 -14.75 -16.91
C VAL B 69 -17.04 -13.31 -16.80
N ARG B 70 -17.32 -12.83 -15.58
CA ARG B 70 -17.76 -11.45 -15.39
C ARG B 70 -17.24 -11.01 -14.04
N ALA B 71 -16.53 -9.88 -13.99
CA ALA B 71 -16.02 -9.29 -12.72
C ALA B 71 -16.77 -7.98 -12.58
N VAL B 72 -17.52 -7.82 -11.48
CA VAL B 72 -18.35 -6.65 -11.18
C VAL B 72 -17.78 -5.93 -9.97
N ILE B 73 -16.92 -4.96 -10.21
CA ILE B 73 -16.35 -4.16 -9.13
C ILE B 73 -17.49 -3.27 -8.64
N HIS B 74 -17.53 -2.96 -7.35
CA HIS B 74 -18.60 -2.07 -6.85
C HIS B 74 -18.48 -0.73 -7.60
N PRO B 75 -19.61 -0.17 -8.10
CA PRO B 75 -19.54 1.10 -8.87
C PRO B 75 -18.96 2.29 -8.14
N ASP B 76 -19.07 2.30 -6.80
CA ASP B 76 -18.55 3.39 -5.97
C ASP B 76 -17.23 3.06 -5.23
N TYR B 77 -16.48 2.01 -5.70
CA TYR B 77 -15.17 1.72 -5.09
C TYR B 77 -14.21 2.90 -5.27
N ASP B 78 -13.50 3.27 -4.20
CA ASP B 78 -12.52 4.39 -4.25
C ASP B 78 -11.20 3.81 -3.81
N ALA B 79 -10.29 3.53 -4.76
CA ALA B 79 -9.01 2.88 -4.44
C ALA B 79 -8.17 3.68 -3.44
N ALA B 80 -8.24 5.02 -3.52
CA ALA B 80 -7.44 5.88 -2.66
C ALA B 80 -7.80 5.74 -1.18
N SER B 81 -9.08 5.60 -0.88
CA SER B 81 -9.57 5.53 0.50
C SER B 81 -9.97 4.11 0.91
N HIS B 82 -9.94 3.14 -0.01
CA HIS B 82 -10.40 1.76 0.24
C HIS B 82 -11.90 1.71 0.45
N ASP B 83 -12.67 2.80 0.22
CA ASP B 83 -14.11 2.79 0.44
C ASP B 83 -14.84 1.91 -0.57
N GLN B 84 -15.78 1.09 -0.07
CA GLN B 84 -16.62 0.18 -0.89
C GLN B 84 -15.76 -0.88 -1.63
N ASP B 85 -14.84 -1.51 -0.87
CA ASP B 85 -13.86 -2.49 -1.35
C ASP B 85 -14.50 -3.86 -1.52
N ILE B 86 -15.31 -3.99 -2.59
CA ILE B 86 -16.04 -5.25 -2.81
C ILE B 86 -16.21 -5.51 -4.32
N MET B 87 -16.20 -6.78 -4.71
CA MET B 87 -16.31 -7.14 -6.12
C MET B 87 -16.98 -8.51 -6.20
N LEU B 88 -17.88 -8.68 -7.17
CA LEU B 88 -18.53 -9.98 -7.41
C LEU B 88 -17.90 -10.61 -8.66
N LEU B 89 -17.67 -11.91 -8.60
CA LEU B 89 -17.06 -12.65 -9.68
C LEU B 89 -18.01 -13.76 -10.08
N ARG B 90 -18.41 -13.73 -11.36
CA ARG B 90 -19.26 -14.77 -11.90
C ARG B 90 -18.36 -15.86 -12.46
N LEU B 91 -18.59 -17.09 -12.01
CA LEU B 91 -17.82 -18.26 -12.42
C LEU B 91 -18.35 -18.72 -13.78
N ALA B 92 -17.46 -19.26 -14.63
CA ALA B 92 -17.78 -19.81 -15.95
C ALA B 92 -18.78 -20.97 -15.82
N ARG B 93 -18.67 -21.75 -14.72
CA ARG B 93 -19.51 -22.92 -14.40
C ARG B 93 -20.04 -22.85 -12.95
N PRO B 94 -21.25 -23.38 -12.62
CA PRO B 94 -21.71 -23.34 -11.23
C PRO B 94 -20.98 -24.37 -10.37
N ALA B 95 -20.43 -23.92 -9.23
CA ALA B 95 -19.70 -24.79 -8.32
C ALA B 95 -20.58 -25.99 -7.96
N LYS B 96 -19.98 -27.20 -7.99
CA LYS B 96 -20.73 -28.39 -7.59
C LYS B 96 -20.55 -28.51 -6.10
N LEU B 97 -21.64 -28.33 -5.34
CA LEU B 97 -21.56 -28.36 -3.89
C LEU B 97 -21.24 -29.74 -3.35
N SER B 98 -20.50 -29.77 -2.24
CA SER B 98 -20.06 -31.01 -1.61
C SER B 98 -19.82 -30.74 -0.14
N GLU B 99 -19.23 -31.71 0.59
CA GLU B 99 -18.84 -31.44 1.98
C GLU B 99 -17.78 -30.30 2.02
N LEU B 100 -16.95 -30.22 0.97
CA LEU B 100 -15.84 -29.28 0.97
C LEU B 100 -16.03 -28.05 0.09
N ILE B 101 -17.18 -27.92 -0.55
CA ILE B 101 -17.54 -26.73 -1.33
C ILE B 101 -18.99 -26.40 -0.92
N GLN B 102 -19.17 -25.28 -0.23
CA GLN B 102 -20.47 -24.86 0.25
C GLN B 102 -20.44 -23.33 0.29
N PRO B 103 -21.54 -22.69 -0.07
CA PRO B 103 -21.60 -21.22 0.10
C PRO B 103 -21.79 -20.78 1.54
N LEU B 104 -21.37 -19.53 1.83
CA LEU B 104 -21.51 -18.94 3.16
C LEU B 104 -22.66 -17.93 3.10
N PRO B 105 -23.67 -18.03 3.99
CA PRO B 105 -24.76 -17.04 3.93
C PRO B 105 -24.25 -15.65 4.36
N LEU B 106 -24.83 -14.60 3.80
CA LEU B 106 -24.47 -13.23 4.15
C LEU B 106 -25.06 -12.81 5.46
N GLU B 107 -24.35 -11.99 6.21
CA GLU B 107 -24.93 -11.43 7.41
C GLU B 107 -25.70 -10.23 6.87
N ARG B 108 -27.02 -10.24 7.03
CA ARG B 108 -27.84 -9.15 6.47
C ARG B 108 -28.20 -8.08 7.50
N ASP B 109 -27.93 -8.34 8.77
CA ASP B 109 -28.26 -7.40 9.85
C ASP B 109 -27.01 -6.64 10.29
N CYS B 110 -26.91 -5.33 9.98
CA CYS B 110 -25.75 -4.51 10.39
C CYS B 110 -25.62 -4.35 11.90
N SER B 111 -26.68 -4.74 12.65
CA SER B 111 -26.72 -4.67 14.12
C SER B 111 -26.48 -6.06 14.75
N ALA B 112 -26.01 -7.06 13.94
CA ALA B 112 -25.75 -8.40 14.46
C ALA B 112 -24.81 -8.32 15.68
N GLN B 113 -25.17 -9.04 16.76
CA GLN B 113 -24.50 -9.01 18.07
C GLN B 113 -23.29 -9.94 18.22
N THR B 114 -23.10 -10.91 17.31
CA THR B 114 -21.94 -11.82 17.37
C THR B 114 -20.63 -11.07 17.10
N THR B 115 -19.76 -10.97 18.11
CA THR B 115 -18.48 -10.26 17.97
C THR B 115 -17.32 -11.27 17.86
N SER B 116 -17.55 -12.54 18.27
CA SER B 116 -16.55 -13.61 18.19
C SER B 116 -16.55 -14.14 16.75
N CYS B 117 -15.45 -13.92 16.03
CA CYS B 117 -15.35 -14.23 14.62
C CYS B 117 -14.09 -15.01 14.32
N HIS B 118 -13.91 -15.35 13.06
CA HIS B 118 -12.65 -15.93 12.58
C HIS B 118 -12.34 -15.43 11.18
N ILE B 119 -11.05 -15.43 10.84
CA ILE B 119 -10.51 -15.08 9.54
C ILE B 119 -9.67 -16.25 9.05
N LEU B 120 -9.42 -16.27 7.73
CA LEU B 120 -8.63 -17.35 7.11
C LEU B 120 -8.04 -16.90 5.79
N GLY B 121 -6.91 -17.50 5.43
CA GLY B 121 -6.32 -17.21 4.14
C GLY B 121 -4.94 -17.78 3.97
N TRP B 122 -4.48 -17.66 2.76
CA TRP B 122 -3.15 -18.11 2.32
C TRP B 122 -2.17 -16.93 2.24
N GLY B 123 -2.51 -15.83 2.91
CA GLY B 123 -1.64 -14.64 2.88
C GLY B 123 -0.38 -14.78 3.73
N LYS B 124 0.42 -13.70 3.79
CA LYS B 124 1.68 -13.67 4.53
C LYS B 124 1.55 -14.08 6.00
N THR B 125 2.43 -14.98 6.46
CA THR B 125 2.44 -15.42 7.88
C THR B 125 3.48 -14.56 8.61
N ALA B 126 3.64 -14.74 9.94
CA ALA B 126 4.53 -13.94 10.80
C ALA B 126 5.98 -13.85 10.32
N ASP B 127 6.50 -14.94 9.71
CA ASP B 127 7.86 -15.05 9.18
C ASP B 127 8.07 -14.36 7.83
N GLY B 128 7.01 -13.77 7.28
CA GLY B 128 7.07 -13.08 6.00
C GLY B 128 6.85 -13.96 4.77
N ASP B 129 6.63 -15.27 4.95
CA ASP B 129 6.43 -16.21 3.85
C ASP B 129 4.95 -16.44 3.49
N PHE B 130 4.67 -17.06 2.32
CA PHE B 130 3.29 -17.39 1.92
C PHE B 130 3.07 -18.88 2.14
N PRO B 131 2.11 -19.29 2.98
CA PRO B 131 1.99 -20.70 3.30
C PRO B 131 1.19 -21.50 2.30
N ASP B 132 1.59 -22.75 2.10
CA ASP B 132 0.80 -23.62 1.23
C ASP B 132 -0.54 -23.98 1.88
N THR B 133 -0.55 -24.20 3.18
CA THR B 133 -1.74 -24.59 3.92
C THR B 133 -2.43 -23.35 4.46
N ILE B 134 -3.75 -23.30 4.22
CA ILE B 134 -4.60 -22.19 4.67
C ILE B 134 -4.49 -22.00 6.19
N GLN B 135 -4.35 -20.73 6.61
CA GLN B 135 -4.22 -20.37 8.01
C GLN B 135 -5.56 -19.84 8.54
N CYS B 136 -5.82 -20.00 9.84
CA CYS B 136 -7.06 -19.60 10.54
C CYS B 136 -6.72 -18.87 11.84
N ALA B 137 -7.55 -17.91 12.27
CA ALA B 137 -7.39 -17.32 13.60
C ALA B 137 -8.72 -16.80 14.09
N TYR B 138 -8.95 -16.87 15.40
CA TYR B 138 -10.13 -16.29 16.02
C TYR B 138 -9.80 -14.85 16.36
N ILE B 139 -10.67 -13.94 15.95
CA ILE B 139 -10.50 -12.50 16.27
C ILE B 139 -11.85 -11.94 16.72
N HIS B 140 -11.86 -10.71 17.21
CA HIS B 140 -13.11 -10.15 17.67
C HIS B 140 -13.43 -8.82 17.02
N LEU B 141 -14.71 -8.58 16.74
CA LEU B 141 -15.15 -7.27 16.19
C LEU B 141 -14.93 -6.23 17.25
N VAL B 142 -14.50 -5.03 16.84
CA VAL B 142 -14.31 -3.93 17.80
C VAL B 142 -15.39 -2.89 17.52
N SER B 143 -15.68 -2.01 18.48
CA SER B 143 -16.71 -1.01 18.29
C SER B 143 -16.30 -0.02 17.21
N ARG B 144 -17.29 0.62 16.56
CA ARG B 144 -17.06 1.64 15.55
C ARG B 144 -16.26 2.77 16.20
N GLU B 145 -16.54 3.08 17.51
CA GLU B 145 -15.74 4.11 18.19
C GLU B 145 -14.24 3.77 18.25
N GLU B 146 -13.91 2.52 18.60
CA GLU B 146 -12.53 2.04 18.66
CA GLU B 146 -12.55 2.08 18.67
C GLU B 146 -11.93 2.08 17.26
N CYS B 147 -12.68 1.60 16.23
CA CYS B 147 -12.25 1.53 14.81
C CYS B 147 -11.84 2.94 14.31
N GLU B 148 -12.71 3.92 14.52
CA GLU B 148 -12.47 5.33 14.16
C GLU B 148 -11.33 5.93 14.95
N HIS B 149 -11.18 5.59 16.22
CA HIS B 149 -10.04 6.07 17.03
C HIS B 149 -8.68 5.53 16.49
N ALA B 150 -8.63 4.27 16.05
CA ALA B 150 -7.40 3.63 15.52
C ALA B 150 -6.96 4.30 14.24
N TYR B 151 -7.93 4.67 13.38
CA TYR B 151 -7.66 5.28 12.07
C TYR B 151 -8.49 6.55 11.88
N PRO B 152 -8.12 7.66 12.58
CA PRO B 152 -8.92 8.89 12.47
C PRO B 152 -9.16 9.38 11.07
N GLY B 153 -10.43 9.62 10.75
CA GLY B 153 -10.85 10.13 9.43
C GLY B 153 -10.75 9.15 8.27
N GLN B 154 -10.56 7.85 8.57
CA GLN B 154 -10.38 6.86 7.51
C GLN B 154 -11.45 5.75 7.45
N ILE B 155 -12.26 5.61 8.53
CA ILE B 155 -13.26 4.54 8.62
C ILE B 155 -14.63 5.02 8.17
N THR B 156 -15.16 4.43 7.08
CA THR B 156 -16.47 4.83 6.63
C THR B 156 -17.48 3.78 7.13
N GLN B 157 -18.77 4.05 6.90
CA GLN B 157 -19.86 3.15 7.27
C GLN B 157 -19.78 1.80 6.55
N ASN B 158 -19.04 1.77 5.42
CA ASN B 158 -18.82 0.55 4.62
C ASN B 158 -17.62 -0.29 5.10
N MET B 159 -17.11 0.03 6.30
CA MET B 159 -15.99 -0.68 6.93
C MET B 159 -16.32 -1.10 8.35
N LEU B 160 -15.73 -2.23 8.80
CA LEU B 160 -15.78 -2.75 10.18
C LEU B 160 -14.35 -3.08 10.59
N CYS B 161 -14.07 -3.05 11.90
CA CYS B 161 -12.76 -3.37 12.42
C CYS B 161 -12.85 -4.65 13.22
N ALA B 162 -11.80 -5.43 13.19
CA ALA B 162 -11.71 -6.65 14.01
C ALA B 162 -10.27 -6.99 14.24
N GLY B 163 -9.96 -7.48 15.44
CA GLY B 163 -8.61 -7.80 15.79
C GLY B 163 -8.52 -8.59 17.08
N ASP B 164 -7.31 -8.69 17.58
CA ASP B 164 -6.98 -9.51 18.75
C ASP B 164 -5.92 -8.80 19.59
N GLU B 165 -6.31 -8.21 20.73
CA GLU B 165 -5.34 -7.51 21.57
C GLU B 165 -4.27 -8.41 22.23
N LYS B 166 -4.58 -9.71 22.44
CA LYS B 166 -3.69 -10.67 23.08
C LYS B 166 -2.45 -11.04 22.25
N TYR B 167 -2.64 -11.58 21.02
CA TYR B 167 -1.52 -12.00 20.16
C TYR B 167 -1.37 -11.15 18.90
N GLY B 168 -2.34 -10.29 18.63
CA GLY B 168 -2.28 -9.47 17.43
C GLY B 168 -2.59 -10.25 16.16
N LYS B 169 -3.33 -11.37 16.27
CA LYS B 169 -3.76 -12.18 15.09
C LYS B 169 -4.43 -11.23 14.09
N ASP B 170 -4.02 -11.29 12.83
CA ASP B 170 -4.48 -10.33 11.83
C ASP B 170 -4.39 -10.92 10.44
N SER B 171 -5.24 -10.41 9.55
CA SER B 171 -5.12 -10.80 8.15
C SER B 171 -3.92 -10.01 7.55
N CYS B 172 -3.45 -10.41 6.38
CA CYS B 172 -2.28 -9.76 5.77
C CYS B 172 -2.36 -9.76 4.26
N GLN B 173 -1.29 -9.27 3.58
CA GLN B 173 -1.19 -9.30 2.12
C GLN B 173 -1.49 -10.73 1.66
N GLY B 174 -2.34 -10.88 0.64
CA GLY B 174 -2.69 -12.21 0.12
C GLY B 174 -3.96 -12.78 0.73
N ASP B 175 -4.39 -12.24 1.89
CA ASP B 175 -5.64 -12.65 2.53
C ASP B 175 -6.80 -11.81 2.00
N SER B 176 -6.46 -10.70 1.31
CA SER B 176 -7.44 -9.76 0.74
C SER B 176 -8.63 -10.48 0.10
N GLY B 177 -9.85 -10.00 0.40
CA GLY B 177 -11.06 -10.57 -0.21
C GLY B 177 -11.60 -11.79 0.51
N GLY B 178 -10.80 -12.38 1.42
CA GLY B 178 -11.18 -13.51 2.25
C GLY B 178 -12.24 -13.10 3.26
N PRO B 179 -12.90 -14.08 3.90
CA PRO B 179 -14.02 -13.75 4.77
C PRO B 179 -13.68 -13.49 6.19
N LEU B 180 -14.47 -12.61 6.80
CA LEU B 180 -14.50 -12.39 8.26
C LEU B 180 -15.85 -13.10 8.62
N VAL B 181 -15.74 -14.26 9.26
CA VAL B 181 -16.92 -15.10 9.56
C VAL B 181 -17.36 -14.94 11.01
N CYS B 182 -18.63 -14.51 11.22
CA CYS B 182 -19.19 -14.30 12.57
C CYS B 182 -20.52 -15.05 12.65
N GLY B 183 -20.60 -16.05 13.53
CA GLY B 183 -21.81 -16.85 13.64
C GLY B 183 -22.19 -17.61 12.37
N ASP B 184 -21.18 -18.16 11.64
CA ASP B 184 -21.35 -18.89 10.38
C ASP B 184 -22.08 -18.07 9.30
N HIS B 185 -21.90 -16.72 9.38
CA HIS B 185 -22.42 -15.79 8.40
C HIS B 185 -21.24 -14.91 7.92
N LEU B 186 -21.32 -14.43 6.69
CA LEU B 186 -20.25 -13.56 6.14
C LEU B 186 -20.48 -12.15 6.69
N ARG B 187 -19.62 -11.71 7.59
CA ARG B 187 -19.72 -10.37 8.16
C ARG B 187 -18.86 -9.36 7.44
N GLY B 188 -17.69 -9.77 6.96
CA GLY B 188 -16.79 -8.83 6.31
C GLY B 188 -15.86 -9.46 5.30
N LEU B 189 -15.13 -8.63 4.55
CA LEU B 189 -14.11 -9.11 3.62
C LEU B 189 -12.82 -8.44 4.00
N VAL B 190 -11.72 -9.20 4.00
CA VAL B 190 -10.37 -8.65 4.26
C VAL B 190 -10.13 -7.48 3.30
N SER B 191 -9.82 -6.29 3.87
CA SER B 191 -9.58 -5.12 3.01
C SER B 191 -8.21 -4.49 3.29
N TRP B 192 -7.98 -3.97 4.51
CA TRP B 192 -6.69 -3.33 4.81
C TRP B 192 -6.49 -3.35 6.31
N GLY B 193 -5.43 -2.70 6.79
CA GLY B 193 -5.17 -2.69 8.22
C GLY B 193 -3.84 -2.06 8.49
N ASP B 194 -3.23 -2.43 9.59
CA ASP B 194 -1.95 -1.85 9.98
C ASP B 194 -0.77 -2.45 9.20
N TYR B 195 0.32 -1.67 9.12
CA TYR B 195 1.58 -2.09 8.59
C TYR B 195 2.67 -1.87 9.66
N PRO B 196 3.48 -2.89 9.98
CA PRO B 196 3.40 -4.30 9.50
C PRO B 196 2.11 -4.97 9.99
N CYS B 197 1.71 -6.09 9.37
CA CYS B 197 0.49 -6.79 9.82
C CYS B 197 0.56 -7.13 11.29
N GLY B 198 -0.58 -7.12 11.94
CA GLY B 198 -0.70 -7.38 13.37
C GLY B 198 -1.69 -6.41 13.96
N SER B 199 -2.60 -6.94 14.78
CA SER B 199 -3.71 -6.16 15.31
C SER B 199 -3.61 -5.76 16.80
N LYS B 200 -2.45 -5.91 17.45
CA LYS B 200 -2.40 -5.52 18.88
C LYS B 200 -2.79 -4.04 19.11
N GLU B 201 -2.20 -3.14 18.31
CA GLU B 201 -2.40 -1.69 18.45
C GLU B 201 -3.58 -1.20 17.66
N ARG B 202 -3.66 -1.62 16.37
CA ARG B 202 -4.72 -1.18 15.49
C ARG B 202 -5.36 -2.40 14.79
N PRO B 203 -6.70 -2.47 14.74
CA PRO B 203 -7.35 -3.66 14.20
C PRO B 203 -7.34 -3.72 12.68
N GLY B 204 -7.63 -4.91 12.15
CA GLY B 204 -7.79 -5.02 10.72
C GLY B 204 -9.09 -4.35 10.34
N VAL B 205 -9.16 -3.87 9.09
CA VAL B 205 -10.32 -3.19 8.53
C VAL B 205 -10.91 -4.07 7.43
N TYR B 206 -12.21 -4.32 7.55
CA TYR B 206 -12.96 -5.25 6.69
C TYR B 206 -14.10 -4.55 5.98
N THR B 207 -14.38 -4.94 4.74
CA THR B 207 -15.53 -4.38 4.06
C THR B 207 -16.78 -4.84 4.80
N ASN B 208 -17.68 -3.93 5.09
CA ASN B 208 -18.90 -4.22 5.87
C ASN B 208 -20.00 -4.83 4.95
N VAL B 209 -19.96 -6.15 4.80
CA VAL B 209 -20.81 -6.93 3.87
C VAL B 209 -22.32 -6.67 4.06
N CYS B 210 -22.78 -6.45 5.30
CA CYS B 210 -24.22 -6.23 5.54
C CYS B 210 -24.76 -5.02 4.73
N ARG B 211 -23.89 -4.06 4.39
CA ARG B 211 -24.27 -2.86 3.62
C ARG B 211 -24.53 -3.15 2.12
N TYR B 212 -24.16 -4.34 1.63
CA TYR B 212 -24.18 -4.66 0.21
C TYR B 212 -25.24 -5.68 -0.18
N THR B 213 -26.14 -6.04 0.73
CA THR B 213 -27.14 -7.07 0.41
C THR B 213 -27.97 -6.75 -0.85
N ASN B 214 -28.40 -5.47 -1.00
CA ASN B 214 -29.18 -5.09 -2.18
C ASN B 214 -28.34 -5.17 -3.46
N TRP B 215 -27.13 -4.58 -3.46
CA TRP B 215 -26.28 -4.61 -4.66
C TRP B 215 -25.93 -6.06 -5.04
N ILE B 216 -25.69 -6.92 -4.06
CA ILE B 216 -25.37 -8.32 -4.33
C ILE B 216 -26.59 -9.01 -5.02
N GLN B 217 -27.77 -8.88 -4.44
CA GLN B 217 -29.03 -9.44 -4.94
C GLN B 217 -29.30 -8.94 -6.36
N LYS B 218 -29.22 -7.62 -6.60
CA LYS B 218 -29.42 -7.05 -7.93
C LYS B 218 -28.40 -7.57 -8.98
N THR B 219 -27.13 -7.76 -8.58
CA THR B 219 -26.08 -8.22 -9.49
C THR B 219 -26.31 -9.69 -9.87
N ILE B 220 -26.65 -10.51 -8.89
CA ILE B 220 -26.87 -11.96 -9.05
C ILE B 220 -28.18 -12.24 -9.83
N GLN B 221 -29.25 -11.52 -9.48
CA GLN B 221 -30.59 -11.73 -10.05
C GLN B 221 -30.89 -10.90 -11.31
N ALA B 222 -29.84 -10.37 -11.96
CA ALA B 222 -29.93 -9.55 -13.16
C ALA B 222 -30.28 -10.39 -14.40
C10 J08 C . 2.39 12.15 -8.43
C13 J08 C . 2.16 14.29 -8.45
C15 J08 C . -0.28 14.42 -7.66
C17 J08 C . -2.63 14.37 -7.11
C20 J08 C . -0.27 15.79 -7.39
C21 J08 C . 4.75 10.84 -10.89
C22 J08 C . 5.60 10.71 -11.98
C24 J08 C . 3.72 10.86 -13.50
C26 J08 C . 1.67 9.66 -12.64
C28 J08 C . 1.73 7.29 -12.35
N01 J08 C . 7.62 9.88 -14.06
C02 J08 C . 7.96 10.48 -12.91
N03 J08 C . 9.17 10.87 -12.72
C04 J08 C . 7.00 10.60 -11.82
C05 J08 C . 7.50 10.60 -10.50
C06 J08 C . 6.65 10.70 -9.41
C07 J08 C . 5.27 10.81 -9.60
N08 J08 C . 4.45 10.86 -8.50
C09 J08 C . 2.99 10.79 -8.57
N11 J08 C . 1.12 12.38 -8.04
C12 J08 C . 0.96 13.74 -8.07
N14 J08 C . 3.06 13.30 -8.65
C16 J08 C . -1.48 13.72 -7.51
C18 J08 C . -2.62 15.74 -6.85
C19 J08 C . -1.43 16.44 -7.00
O23 J08 C . 5.13 10.68 -13.28
C25 J08 C . 2.97 9.61 -13.11
C27 J08 C . 1.03 8.49 -12.26
N29 J08 C . 3.00 7.22 -12.78
C30 J08 C . 3.59 8.36 -13.15
C1 GOL D . -2.61 -22.81 -9.00
O1 GOL D . -2.12 -22.83 -10.34
C2 GOL D . -2.52 -24.17 -8.32
O2 GOL D . -1.19 -24.68 -8.42
C3 GOL D . -2.88 -24.02 -6.86
O3 GOL D . -2.88 -25.28 -6.23
C1 GOL E . -25.30 1.52 1.86
O1 GOL E . -25.89 0.24 1.76
C2 GOL E . -24.58 1.92 0.59
O2 GOL E . -24.24 3.31 0.64
C3 GOL E . -23.33 1.10 0.37
O3 GOL E . -22.97 1.12 -1.01
C10 J08 F . -4.01 -4.46 0.55
C13 J08 F . -5.52 -2.96 0.22
C15 J08 F . -4.32 -1.61 -1.61
C17 J08 F . -3.01 0.18 -2.57
C20 J08 F . -5.41 -1.19 -2.38
C21 J08 F . -3.36 -5.33 4.01
C22 J08 F . -3.34 -5.25 5.40
C24 J08 F . -1.62 -3.53 5.37
C26 J08 F . -0.19 -4.35 3.47
C28 J08 F . 1.67 -5.76 3.93
N01 J08 F . -3.14 -5.61 8.36
C02 J08 F . -4.20 -6.06 7.65
N03 J08 F . -5.25 -6.49 8.26
C04 J08 F . -4.16 -6.08 6.20
C05 J08 F . -5.01 -6.97 5.53
C06 J08 F . -5.00 -7.07 4.15
C07 J08 F . -4.18 -6.26 3.38
N08 J08 F . -4.21 -6.39 2.00
C09 J08 F . -3.32 -5.68 1.08
N11 J08 F . -3.52 -3.66 -0.43
C12 J08 F . -4.48 -2.70 -0.64
N14 J08 F . -5.21 -4.06 0.95
C16 J08 F . -3.12 -0.89 -1.70
C18 J08 F . -4.07 0.56 -3.36
C19 J08 F . -5.28 -0.13 -3.27
O23 J08 F . -2.51 -4.38 6.10
C25 J08 F . -0.46 -4.31 4.84
C27 J08 F . 0.90 -5.08 3.00
N29 J08 F . 1.45 -5.71 5.26
C30 J08 F . 0.40 -4.99 5.68
#